data_4N1I
#
_entry.id   4N1I
#
_cell.length_a   60.280
_cell.length_b   65.900
_cell.length_c   68.370
_cell.angle_alpha   90.00
_cell.angle_beta   90.00
_cell.angle_gamma   90.00
#
_symmetry.space_group_name_H-M   'P 21 21 21'
#
loop_
_entity.id
_entity.type
_entity.pdbx_description
1 polymer 'alpha-L-arabinofuranosidase UmAbf62A'
2 non-polymer 'CALCIUM ION'
3 non-polymer GLYCEROL
4 non-polymer 2-AMINO-2-HYDROXYMETHYL-PROPANE-1,3-DIOL
5 non-polymer 'PENTAETHYLENE GLYCOL'
6 water water
#
_entity_poly.entity_id   1
_entity_poly.type   'polypeptide(L)'
_entity_poly.pdbx_seq_one_letter_code
;NPETERRRSCALPTTYRWTSSAPLAQPKDGWVSLKDFTHVPYNGQHLVYASYHDSTKYGSMAFSPFKHWADMATATQTGM
TQAAVAPTVFYFTPKKLWFLVSQWGSAPFTYRTSTDPTKVNGWSAPQPLFTGKVADSGTGPIDQTVIADDRKVYLFFVAD
NGKVYRTSMAIGDFPANFGTASEVILSDTQAKLFEAVQVYTVAGQNQYLMIVEAQGTNGRYFRSFTANSLDGEWKVQAGS
ESAPFAGKANSGASWTNDVSHGDLIRSNPDQTMTIDPCRLQLLYQGRDKNKVPSSYDLAPYRPGLLTLYGLGLEQKLISE
EDLNSAVDHHHHHH
;
_entity_poly.pdbx_strand_id   A
#
loop_
_chem_comp.id
_chem_comp.type
_chem_comp.name
_chem_comp.formula
1PE non-polymer 'PENTAETHYLENE GLYCOL' 'C10 H22 O6'
CA non-polymer 'CALCIUM ION' 'Ca 2'
GOL non-polymer GLYCEROL 'C3 H8 O3'
TRS non-polymer 2-AMINO-2-HYDROXYMETHYL-PROPANE-1,3-DIOL 'C4 H12 N O3 1'
#
# COMPACT_ATOMS: atom_id res chain seq x y z
N SER A 9 -10.19 8.49 23.48
CA SER A 9 -10.70 8.00 22.13
C SER A 9 -9.55 7.93 21.18
N CYS A 10 -9.57 6.90 20.34
CA CYS A 10 -8.64 6.70 19.24
C CYS A 10 -9.16 7.21 17.90
N ALA A 11 -10.25 8.01 17.90
CA ALA A 11 -10.77 8.52 16.65
C ALA A 11 -9.68 9.13 15.82
N LEU A 12 -9.74 8.93 14.51
CA LEU A 12 -8.79 9.53 13.61
C LEU A 12 -8.85 11.05 13.79
N PRO A 13 -7.69 11.73 13.77
CA PRO A 13 -7.62 13.10 14.13
C PRO A 13 -8.04 13.99 13.07
N THR A 14 -8.45 15.22 13.39
N THR A 14 -8.35 15.25 13.42
CA THR A 14 -8.59 16.24 12.33
CA THR A 14 -8.63 16.35 12.48
C THR A 14 -7.25 16.65 11.70
C THR A 14 -7.34 16.81 11.79
N THR A 15 -6.24 16.82 12.51
CA THR A 15 -4.94 17.26 11.99
C THR A 15 -3.99 16.13 12.34
N TYR A 16 -3.32 15.59 11.35
CA TYR A 16 -2.36 14.53 11.56
C TYR A 16 -0.99 15.09 11.90
N ARG A 17 -0.31 14.41 12.84
CA ARG A 17 1.09 14.69 13.16
C ARG A 17 1.73 13.34 13.43
N TRP A 18 2.94 13.14 12.87
CA TRP A 18 3.63 11.87 12.97
C TRP A 18 5.06 12.14 13.48
N THR A 19 5.68 11.06 13.96
CA THR A 19 7.12 10.95 14.02
C THR A 19 7.52 9.85 13.05
N SER A 20 8.81 9.88 12.62
CA SER A 20 9.29 8.93 11.63
C SER A 20 10.54 8.21 12.11
N SER A 21 10.67 6.96 11.65
CA SER A 21 11.95 6.30 11.67
C SER A 21 12.90 6.87 10.61
N ALA A 22 14.15 6.51 10.78
CA ALA A 22 15.15 6.57 9.74
C ALA A 22 14.81 5.52 8.66
N PRO A 23 15.52 5.52 7.53
CA PRO A 23 15.34 4.44 6.56
C PRO A 23 15.50 3.09 7.22
N LEU A 24 14.62 2.18 6.95
CA LEU A 24 14.56 0.92 7.64
C LEU A 24 15.36 -0.21 7.00
N ALA A 25 15.72 -0.05 5.74
CA ALA A 25 16.56 -1.03 5.05
C ALA A 25 17.12 -0.36 3.82
N GLN A 26 18.25 -0.90 3.40
CA GLN A 26 18.91 -0.60 2.14
C GLN A 26 18.69 -1.77 1.20
N PRO A 27 18.51 -1.52 -0.10
N PRO A 27 18.50 -1.52 -0.10
CA PRO A 27 18.43 -2.64 -1.05
CA PRO A 27 18.40 -2.65 -1.04
C PRO A 27 19.72 -3.45 -1.05
C PRO A 27 19.71 -3.45 -1.06
N LYS A 28 19.58 -4.75 -1.19
CA LYS A 28 20.76 -5.62 -1.30
C LYS A 28 21.49 -5.30 -2.62
N ASP A 29 22.74 -5.76 -2.66
N ASP A 29 22.76 -5.77 -2.67
CA ASP A 29 23.56 -5.45 -3.82
CA ASP A 29 23.63 -5.62 -3.85
C ASP A 29 22.85 -5.96 -5.07
C ASP A 29 22.85 -5.99 -5.08
N GLY A 30 22.90 -5.09 -6.07
CA GLY A 30 22.26 -5.29 -7.33
C GLY A 30 20.92 -4.63 -7.50
N TRP A 31 20.32 -4.17 -6.37
CA TRP A 31 19.06 -3.48 -6.40
C TRP A 31 19.25 -2.01 -6.05
N VAL A 32 18.38 -1.16 -6.59
N VAL A 32 18.40 -1.18 -6.66
CA VAL A 32 18.47 0.31 -6.32
CA VAL A 32 18.45 0.26 -6.53
C VAL A 32 17.42 0.81 -5.38
C VAL A 32 17.42 0.78 -5.48
N SER A 33 16.28 0.12 -5.30
CA SER A 33 15.19 0.62 -4.47
C SER A 33 14.32 -0.49 -3.97
N LEU A 34 13.62 -0.23 -2.88
CA LEU A 34 12.60 -1.06 -2.26
C LEU A 34 11.35 -0.13 -2.18
N LYS A 35 10.18 -0.63 -2.64
CA LYS A 35 9.06 0.23 -2.94
C LYS A 35 7.74 -0.43 -2.64
N ASP A 36 6.68 0.41 -2.56
CA ASP A 36 5.32 -0.07 -2.79
C ASP A 36 4.90 -1.14 -1.80
N PHE A 37 5.27 -0.94 -0.51
CA PHE A 37 5.18 -2.01 0.44
C PHE A 37 3.76 -2.48 0.72
N THR A 38 3.62 -3.74 1.03
CA THR A 38 2.42 -4.34 1.65
C THR A 38 2.86 -5.14 2.84
N HIS A 39 2.21 -4.97 3.99
CA HIS A 39 2.61 -5.61 5.22
C HIS A 39 1.45 -6.38 5.83
N VAL A 40 1.75 -7.55 6.39
CA VAL A 40 0.80 -8.22 7.27
C VAL A 40 1.55 -8.68 8.53
N PRO A 41 0.83 -8.71 9.65
CA PRO A 41 1.35 -9.44 10.82
C PRO A 41 1.23 -10.92 10.53
N TYR A 42 2.25 -11.68 10.87
CA TYR A 42 2.31 -13.10 10.60
C TYR A 42 3.05 -13.80 11.74
N ASN A 43 2.32 -14.61 12.52
CA ASN A 43 2.99 -15.43 13.64
C ASN A 43 3.88 -14.52 14.53
N GLY A 44 3.31 -13.36 14.82
CA GLY A 44 4.00 -12.39 15.74
C GLY A 44 5.06 -11.54 15.10
N GLN A 45 5.23 -11.66 13.80
CA GLN A 45 6.30 -11.04 13.05
C GLN A 45 5.73 -10.11 11.98
N HIS A 46 6.58 -9.27 11.44
CA HIS A 46 6.29 -8.43 10.27
C HIS A 46 6.61 -9.20 9.01
N LEU A 47 5.62 -9.36 8.12
CA LEU A 47 5.81 -9.94 6.80
C LEU A 47 5.55 -8.84 5.76
N VAL A 48 6.61 -8.48 5.04
CA VAL A 48 6.56 -7.38 4.08
C VAL A 48 6.93 -7.90 2.69
N TYR A 49 6.04 -7.67 1.74
CA TYR A 49 6.32 -7.82 0.32
C TYR A 49 6.46 -6.41 -0.28
N ALA A 50 7.15 -6.30 -1.39
CA ALA A 50 7.44 -5.00 -1.99
C ALA A 50 7.75 -5.14 -3.45
N SER A 51 7.59 -4.04 -4.19
CA SER A 51 8.30 -3.91 -5.44
C SER A 51 9.79 -3.67 -5.13
N TYR A 52 10.64 -4.00 -6.12
CA TYR A 52 12.00 -3.47 -6.12
C TYR A 52 12.31 -2.99 -7.50
N HIS A 53 13.34 -2.18 -7.63
CA HIS A 53 13.88 -1.85 -8.94
C HIS A 53 15.37 -2.16 -8.89
N ASP A 54 15.88 -2.73 -9.99
CA ASP A 54 17.33 -2.95 -10.13
C ASP A 54 17.88 -1.86 -11.06
N SER A 55 18.93 -2.10 -11.81
CA SER A 55 19.44 -1.07 -12.71
CA SER A 55 19.36 -1.00 -12.69
C SER A 55 18.47 -0.80 -13.86
N THR A 56 17.61 -1.75 -14.20
CA THR A 56 16.85 -1.66 -15.46
C THR A 56 15.39 -2.02 -15.37
N LYS A 57 14.89 -2.66 -14.34
N LYS A 57 14.89 -2.66 -14.34
CA LYS A 57 13.52 -3.13 -14.34
CA LYS A 57 13.52 -3.13 -14.33
C LYS A 57 12.98 -3.18 -12.92
C LYS A 57 12.95 -3.17 -12.93
N TYR A 58 11.69 -3.33 -12.86
N TYR A 58 11.59 -3.21 -12.89
CA TYR A 58 11.01 -3.65 -11.58
CA TYR A 58 10.83 -3.55 -11.69
C TYR A 58 10.86 -5.13 -11.41
C TYR A 58 10.72 -5.07 -11.50
N GLY A 59 10.79 -5.50 -10.22
CA GLY A 59 10.38 -6.86 -9.80
C GLY A 59 9.66 -6.76 -8.49
N SER A 60 9.49 -7.90 -7.83
CA SER A 60 8.95 -7.91 -6.48
C SER A 60 9.76 -8.87 -5.62
N MET A 61 9.59 -8.70 -4.32
CA MET A 61 10.41 -9.36 -3.31
C MET A 61 9.65 -9.46 -2.00
N ALA A 62 10.17 -10.25 -1.10
CA ALA A 62 9.78 -10.18 0.31
C ALA A 62 11.00 -10.17 1.19
N PHE A 63 10.81 -9.66 2.40
CA PHE A 63 11.78 -9.69 3.46
C PHE A 63 11.50 -10.92 4.32
N SER A 64 12.55 -11.55 4.89
CA SER A 64 12.32 -12.61 5.85
C SER A 64 11.48 -12.07 7.00
N PRO A 65 10.60 -12.88 7.57
CA PRO A 65 9.84 -12.37 8.70
C PRO A 65 10.71 -11.85 9.81
N PHE A 66 10.33 -10.70 10.39
CA PHE A 66 11.17 -10.05 11.38
C PHE A 66 10.33 -9.55 12.51
N LYS A 67 10.80 -9.66 13.76
N LYS A 67 10.80 -9.68 13.75
CA LYS A 67 9.98 -9.28 14.89
CA LYS A 67 9.96 -9.28 14.88
C LYS A 67 9.87 -7.78 15.07
C LYS A 67 9.87 -7.78 15.07
N HIS A 68 10.99 -7.09 14.98
CA HIS A 68 11.05 -5.67 15.32
C HIS A 68 11.48 -4.86 14.12
N TRP A 69 11.02 -3.63 14.02
CA TRP A 69 11.38 -2.78 12.90
C TRP A 69 12.87 -2.59 12.77
N ALA A 70 13.60 -2.56 13.87
CA ALA A 70 15.07 -2.48 13.84
C ALA A 70 15.71 -3.60 13.04
N ASP A 71 15.04 -4.75 12.94
CA ASP A 71 15.39 -6.03 12.33
CA ASP A 71 15.78 -5.73 12.18
C ASP A 71 15.29 -5.92 10.79
N MET A 72 14.48 -4.99 10.29
CA MET A 72 14.23 -4.95 8.87
C MET A 72 15.50 -4.75 8.08
N ALA A 73 16.48 -4.04 8.65
CA ALA A 73 17.66 -3.67 7.88
C ALA A 73 18.53 -4.87 7.56
N THR A 74 18.41 -5.96 8.34
CA THR A 74 19.23 -7.13 8.11
C THR A 74 18.37 -8.31 7.64
N ALA A 75 17.05 -8.19 7.56
CA ALA A 75 16.19 -9.29 7.06
C ALA A 75 16.62 -9.65 5.65
N THR A 76 16.55 -10.93 5.33
N THR A 76 16.56 -10.93 5.32
CA THR A 76 16.94 -11.36 4.03
CA THR A 76 16.96 -11.35 4.01
C THR A 76 15.96 -10.88 2.95
C THR A 76 15.98 -10.84 2.97
N GLN A 77 16.47 -10.44 1.83
CA GLN A 77 15.65 -9.90 0.72
C GLN A 77 15.68 -10.94 -0.36
N THR A 78 14.51 -11.51 -0.67
CA THR A 78 14.37 -12.57 -1.68
C THR A 78 13.51 -12.08 -2.81
N GLY A 79 14.04 -12.11 -4.00
CA GLY A 79 13.30 -11.74 -5.18
C GLY A 79 12.34 -12.86 -5.59
N MET A 80 11.16 -12.45 -6.09
CA MET A 80 10.24 -13.35 -6.71
C MET A 80 10.68 -13.65 -8.13
N THR A 81 10.63 -14.93 -8.55
CA THR A 81 10.99 -15.29 -9.90
C THR A 81 9.96 -14.80 -10.91
N GLN A 82 8.73 -14.67 -10.50
CA GLN A 82 7.65 -14.11 -11.30
CA GLN A 82 7.70 -14.14 -11.42
C GLN A 82 7.21 -12.81 -10.74
N ALA A 83 7.52 -11.70 -11.41
CA ALA A 83 7.28 -10.41 -10.81
C ALA A 83 5.81 -10.19 -10.44
N ALA A 84 5.60 -9.59 -9.29
CA ALA A 84 4.30 -9.22 -8.78
C ALA A 84 4.39 -7.77 -8.29
N VAL A 85 4.52 -6.84 -9.27
CA VAL A 85 4.79 -5.46 -9.00
C VAL A 85 3.59 -4.82 -8.24
N ALA A 86 3.94 -3.96 -7.29
CA ALA A 86 2.98 -3.19 -6.48
C ALA A 86 1.98 -4.16 -5.84
N PRO A 87 2.50 -5.06 -4.99
CA PRO A 87 1.68 -6.17 -4.46
C PRO A 87 0.76 -5.76 -3.33
N THR A 88 -0.25 -6.61 -3.12
CA THR A 88 -1.14 -6.55 -1.96
C THR A 88 -1.22 -7.96 -1.40
N VAL A 89 -0.92 -8.13 -0.10
CA VAL A 89 -1.00 -9.44 0.53
C VAL A 89 -2.06 -9.40 1.63
N PHE A 90 -2.90 -10.43 1.67
CA PHE A 90 -3.89 -10.59 2.72
C PHE A 90 -4.32 -12.06 2.79
N TYR A 91 -5.00 -12.39 3.87
CA TYR A 91 -5.61 -13.70 4.06
C TYR A 91 -7.13 -13.56 3.80
N PHE A 92 -7.69 -14.43 2.95
CA PHE A 92 -9.11 -14.38 2.64
C PHE A 92 -9.81 -15.46 3.45
N THR A 93 -10.37 -15.07 4.59
N THR A 93 -10.38 -15.07 4.59
CA THR A 93 -10.92 -16.04 5.53
CA THR A 93 -10.89 -16.05 5.53
C THR A 93 -11.94 -16.97 4.91
C THR A 93 -11.93 -16.98 4.91
N PRO A 94 -12.84 -16.53 4.03
CA PRO A 94 -13.85 -17.47 3.50
C PRO A 94 -13.30 -18.52 2.57
N LYS A 95 -12.02 -18.48 2.18
CA LYS A 95 -11.35 -19.55 1.48
C LYS A 95 -10.21 -20.16 2.26
N LYS A 96 -9.92 -19.64 3.47
CA LYS A 96 -8.80 -20.09 4.28
C LYS A 96 -7.53 -20.17 3.43
N LEU A 97 -7.24 -19.10 2.68
CA LEU A 97 -6.09 -19.02 1.80
C LEU A 97 -5.53 -17.61 1.80
N TRP A 98 -4.22 -17.54 1.65
CA TRP A 98 -3.52 -16.28 1.44
C TRP A 98 -3.54 -15.92 -0.04
N PHE A 99 -3.59 -14.60 -0.29
CA PHE A 99 -3.61 -14.00 -1.61
C PHE A 99 -2.50 -12.96 -1.76
N LEU A 100 -1.95 -12.95 -2.96
CA LEU A 100 -0.98 -11.92 -3.38
C LEU A 100 -1.55 -11.40 -4.73
N VAL A 101 -1.96 -10.14 -4.71
CA VAL A 101 -2.52 -9.46 -5.85
C VAL A 101 -1.45 -8.49 -6.38
N SER A 102 -1.36 -8.36 -7.69
CA SER A 102 -0.33 -7.49 -8.26
C SER A 102 -0.74 -7.09 -9.66
N GLN A 103 0.09 -6.26 -10.29
CA GLN A 103 -0.18 -5.77 -11.63
C GLN A 103 0.77 -6.35 -12.62
N TRP A 104 0.23 -6.49 -13.81
CA TRP A 104 0.98 -6.79 -15.02
C TRP A 104 1.36 -8.24 -15.14
N GLY A 105 1.83 -8.62 -16.32
CA GLY A 105 2.18 -9.97 -16.66
C GLY A 105 1.00 -10.48 -17.47
N SER A 106 0.32 -11.43 -16.87
CA SER A 106 -0.65 -12.13 -17.65
C SER A 106 -2.01 -11.41 -17.71
N ALA A 107 -2.26 -10.45 -16.86
CA ALA A 107 -3.50 -9.68 -16.87
C ALA A 107 -3.18 -8.34 -16.20
N PRO A 108 -4.05 -7.36 -16.42
CA PRO A 108 -3.90 -6.04 -15.78
C PRO A 108 -3.64 -6.19 -14.23
N PHE A 109 -4.52 -6.89 -13.56
CA PHE A 109 -4.20 -7.32 -12.18
C PHE A 109 -4.40 -8.84 -12.15
N THR A 110 -3.55 -9.52 -11.39
CA THR A 110 -3.59 -10.95 -11.18
C THR A 110 -3.70 -11.27 -9.70
N TYR A 111 -4.09 -12.50 -9.39
CA TYR A 111 -4.01 -13.04 -8.06
C TYR A 111 -3.27 -14.36 -8.06
N ARG A 112 -2.59 -14.62 -6.97
N ARG A 112 -2.59 -14.65 -6.98
CA ARG A 112 -1.98 -15.92 -6.70
CA ARG A 112 -1.93 -15.90 -6.67
C ARG A 112 -2.31 -16.28 -5.26
C ARG A 112 -2.33 -16.28 -5.26
N THR A 113 -2.27 -17.55 -4.94
CA THR A 113 -2.65 -18.03 -3.64
C THR A 113 -1.58 -18.91 -3.00
N SER A 114 -1.71 -19.09 -1.70
N SER A 114 -1.67 -19.04 -1.69
CA SER A 114 -0.78 -19.86 -0.91
CA SER A 114 -0.78 -19.93 -0.94
C SER A 114 -1.38 -20.25 0.43
C SER A 114 -1.38 -20.25 0.42
N THR A 115 -0.90 -21.35 0.99
CA THR A 115 -1.15 -21.70 2.37
C THR A 115 -0.15 -21.14 3.33
N ASP A 116 0.97 -20.61 2.83
CA ASP A 116 2.02 -20.05 3.68
C ASP A 116 2.64 -18.88 2.90
N PRO A 117 2.26 -17.66 3.26
CA PRO A 117 2.69 -16.47 2.52
C PRO A 117 4.09 -16.13 2.69
N THR A 118 4.83 -16.79 3.54
CA THR A 118 6.23 -16.58 3.68
C THR A 118 7.07 -17.43 2.65
N LYS A 119 6.45 -18.28 1.86
CA LYS A 119 7.16 -19.00 0.77
C LYS A 119 7.15 -18.04 -0.38
N VAL A 120 8.24 -17.25 -0.51
CA VAL A 120 8.31 -16.18 -1.46
C VAL A 120 8.07 -16.62 -2.88
N ASN A 121 8.57 -17.81 -3.20
CA ASN A 121 8.45 -18.43 -4.52
C ASN A 121 7.57 -19.66 -4.48
N GLY A 122 6.62 -19.72 -3.54
CA GLY A 122 5.69 -20.81 -3.39
C GLY A 122 4.25 -20.50 -3.73
N TRP A 123 4.00 -19.40 -4.41
CA TRP A 123 2.66 -18.98 -4.76
C TRP A 123 2.18 -19.78 -5.98
N SER A 124 0.84 -19.87 -6.11
CA SER A 124 0.24 -20.51 -7.25
C SER A 124 0.52 -19.73 -8.53
N ALA A 125 0.26 -20.37 -9.65
CA ALA A 125 0.34 -19.67 -10.92
C ALA A 125 -0.68 -18.56 -10.95
N PRO A 126 -0.35 -17.39 -11.43
CA PRO A 126 -1.29 -16.27 -11.39
CA PRO A 126 -1.28 -16.22 -11.47
C PRO A 126 -2.48 -16.50 -12.29
N GLN A 127 -3.61 -15.98 -11.84
CA GLN A 127 -4.87 -15.98 -12.62
C GLN A 127 -5.36 -14.54 -12.73
N PRO A 128 -6.16 -14.25 -13.75
CA PRO A 128 -6.66 -12.88 -13.87
CA PRO A 128 -6.66 -12.86 -13.89
C PRO A 128 -7.59 -12.48 -12.76
N LEU A 129 -7.30 -11.28 -12.19
CA LEU A 129 -8.18 -10.68 -11.21
CA LEU A 129 -8.16 -10.68 -11.19
C LEU A 129 -8.95 -9.51 -11.78
N PHE A 130 -8.39 -8.82 -12.79
CA PHE A 130 -9.05 -7.73 -13.43
C PHE A 130 -8.50 -7.65 -14.85
N THR A 131 -9.39 -7.46 -15.82
CA THR A 131 -9.01 -7.39 -17.21
C THR A 131 -9.54 -6.12 -17.86
N GLY A 132 -9.71 -5.04 -17.11
CA GLY A 132 -10.17 -3.82 -17.70
C GLY A 132 -9.06 -2.83 -18.10
N LYS A 133 -9.53 -1.85 -18.85
CA LYS A 133 -8.79 -0.66 -19.25
C LYS A 133 -9.60 0.58 -18.86
N VAL A 134 -8.93 1.74 -18.75
CA VAL A 134 -9.61 3.00 -18.44
C VAL A 134 -9.13 4.08 -19.46
N ALA A 135 -9.93 5.11 -19.59
CA ALA A 135 -9.66 6.23 -20.47
C ALA A 135 -8.72 7.23 -19.88
N ASP A 136 -8.09 7.99 -20.75
CA ASP A 136 -7.37 9.17 -20.36
C ASP A 136 -6.26 8.83 -19.34
N SER A 137 -5.56 7.76 -19.60
CA SER A 137 -4.46 7.30 -18.79
C SER A 137 -3.29 6.81 -19.64
N GLY A 138 -2.10 7.30 -19.36
CA GLY A 138 -0.96 6.82 -20.05
C GLY A 138 -0.40 5.53 -19.51
N THR A 139 -0.81 5.08 -18.34
CA THR A 139 -0.34 3.84 -17.69
C THR A 139 -1.34 2.76 -17.73
N GLY A 140 -2.62 3.06 -17.78
CA GLY A 140 -3.66 2.08 -17.50
C GLY A 140 -3.77 1.83 -15.97
N PRO A 141 -4.63 0.91 -15.59
CA PRO A 141 -4.84 0.60 -14.17
C PRO A 141 -3.54 0.23 -13.48
N ILE A 142 -3.30 0.82 -12.31
CA ILE A 142 -2.12 0.53 -11.52
C ILE A 142 -2.51 0.59 -10.03
N ASP A 143 -1.62 0.00 -9.22
CA ASP A 143 -1.65 0.23 -7.78
C ASP A 143 -2.97 -0.17 -7.16
N GLN A 144 -3.41 -1.39 -7.45
CA GLN A 144 -4.64 -1.89 -6.84
C GLN A 144 -4.52 -1.99 -5.33
N THR A 145 -5.67 -2.02 -4.69
CA THR A 145 -5.86 -2.69 -3.42
C THR A 145 -7.14 -3.49 -3.51
N VAL A 146 -7.32 -4.42 -2.56
CA VAL A 146 -8.48 -5.28 -2.46
C VAL A 146 -8.93 -5.24 -1.02
N ILE A 147 -10.24 -5.15 -0.79
CA ILE A 147 -10.78 -5.07 0.54
C ILE A 147 -12.23 -5.58 0.48
N ALA A 148 -12.66 -6.24 1.56
CA ALA A 148 -14.02 -6.79 1.63
C ALA A 148 -14.76 -6.28 2.84
N ASP A 149 -16.07 -6.31 2.73
CA ASP A 149 -16.98 -6.24 3.88
C ASP A 149 -17.67 -7.60 3.96
N ASP A 150 -18.79 -7.71 4.66
CA ASP A 150 -19.45 -8.99 4.81
C ASP A 150 -20.13 -9.41 3.55
N ARG A 151 -20.39 -8.46 2.60
CA ARG A 151 -21.21 -8.72 1.44
C ARG A 151 -20.43 -8.89 0.16
N LYS A 152 -19.39 -8.08 -0.06
CA LYS A 152 -18.72 -7.97 -1.32
C LYS A 152 -17.20 -7.84 -1.09
N VAL A 153 -16.46 -8.25 -2.12
CA VAL A 153 -15.04 -7.92 -2.26
C VAL A 153 -14.93 -6.80 -3.26
N TYR A 154 -14.08 -5.83 -2.97
N TYR A 154 -14.14 -5.78 -2.95
CA TYR A 154 -13.89 -4.64 -3.79
CA TYR A 154 -13.92 -4.63 -3.82
C TYR A 154 -12.45 -4.56 -4.27
C TYR A 154 -12.47 -4.61 -4.29
N LEU A 155 -12.30 -4.05 -5.49
CA LEU A 155 -11.01 -3.71 -6.06
C LEU A 155 -11.02 -2.23 -6.30
N PHE A 156 -10.03 -1.53 -5.74
CA PHE A 156 -9.83 -0.08 -6.01
C PHE A 156 -8.51 0.05 -6.73
N PHE A 157 -8.41 1.02 -7.64
CA PHE A 157 -7.16 1.27 -8.33
C PHE A 157 -7.13 2.72 -8.83
N VAL A 158 -5.95 3.08 -9.31
CA VAL A 158 -5.68 4.42 -9.86
C VAL A 158 -5.01 4.26 -11.21
N ALA A 159 -4.58 5.36 -11.83
CA ALA A 159 -4.18 5.32 -13.23
C ALA A 159 -3.33 6.51 -13.62
N ASP A 160 -2.64 7.11 -12.66
CA ASP A 160 -1.77 8.26 -12.96
C ASP A 160 -2.59 9.35 -13.69
N ASN A 161 -3.84 9.56 -13.31
CA ASN A 161 -4.72 10.39 -14.14
C ASN A 161 -5.75 11.20 -13.39
N GLY A 162 -5.64 11.30 -12.08
CA GLY A 162 -6.59 12.10 -11.31
C GLY A 162 -7.83 11.38 -10.95
N LYS A 163 -7.95 10.09 -11.22
N LYS A 163 -7.95 10.09 -11.22
CA LYS A 163 -9.16 9.35 -10.93
CA LYS A 163 -9.16 9.35 -10.93
C LYS A 163 -8.85 8.11 -10.06
N VAL A 164 -9.79 7.80 -9.18
CA VAL A 164 -9.83 6.57 -8.41
C VAL A 164 -11.00 5.73 -8.94
N TYR A 165 -10.76 4.45 -9.16
CA TYR A 165 -11.71 3.54 -9.75
C TYR A 165 -12.06 2.42 -8.78
N ARG A 166 -13.25 1.87 -8.96
CA ARG A 166 -13.75 0.78 -8.12
C ARG A 166 -14.52 -0.23 -8.96
N THR A 167 -14.38 -1.49 -8.59
CA THR A 167 -15.26 -2.56 -9.02
C THR A 167 -15.46 -3.51 -7.83
N SER A 168 -16.37 -4.47 -7.96
CA SER A 168 -16.74 -5.33 -6.85
C SER A 168 -17.28 -6.64 -7.39
N MET A 169 -17.38 -7.63 -6.49
CA MET A 169 -18.07 -8.89 -6.72
C MET A 169 -18.63 -9.34 -5.39
N ALA A 170 -19.59 -10.25 -5.43
CA ALA A 170 -20.13 -10.86 -4.23
C ALA A 170 -19.05 -11.60 -3.47
N ILE A 171 -19.14 -11.56 -2.13
CA ILE A 171 -18.11 -12.23 -1.27
C ILE A 171 -17.96 -13.67 -1.63
N GLY A 172 -19.06 -14.35 -1.89
CA GLY A 172 -19.05 -15.77 -2.19
C GLY A 172 -18.47 -16.13 -3.54
N ASP A 173 -18.17 -15.16 -4.39
CA ASP A 173 -17.57 -15.41 -5.71
C ASP A 173 -16.05 -15.36 -5.68
N PHE A 174 -15.44 -14.79 -4.66
CA PHE A 174 -14.03 -14.50 -4.65
C PHE A 174 -13.22 -15.76 -4.36
N PRO A 175 -12.10 -15.99 -5.06
CA PRO A 175 -11.57 -15.19 -6.15
C PRO A 175 -12.14 -15.55 -7.46
N ALA A 176 -12.16 -14.58 -8.38
CA ALA A 176 -12.53 -14.69 -9.77
C ALA A 176 -12.03 -13.45 -10.49
N ASN A 177 -12.10 -13.40 -11.79
CA ASN A 177 -11.86 -12.12 -12.47
C ASN A 177 -13.01 -11.20 -12.13
N PHE A 178 -12.70 -10.02 -11.63
CA PHE A 178 -13.70 -8.98 -11.46
C PHE A 178 -14.31 -8.61 -12.80
N GLY A 179 -13.53 -8.73 -13.87
CA GLY A 179 -13.98 -8.46 -15.21
C GLY A 179 -13.38 -7.22 -15.82
N THR A 180 -14.13 -6.62 -16.75
CA THR A 180 -13.71 -5.48 -17.50
C THR A 180 -14.25 -4.13 -16.99
N ALA A 181 -15.32 -4.14 -16.20
CA ALA A 181 -15.97 -2.91 -15.82
C ALA A 181 -15.26 -2.22 -14.63
N SER A 182 -15.32 -0.92 -14.60
CA SER A 182 -14.96 -0.17 -13.42
C SER A 182 -15.65 1.17 -13.45
N GLU A 183 -15.76 1.82 -12.29
CA GLU A 183 -16.44 3.10 -12.12
CA GLU A 183 -16.34 3.13 -12.29
C GLU A 183 -15.47 4.11 -11.55
N VAL A 184 -15.48 5.34 -12.01
CA VAL A 184 -14.78 6.44 -11.33
C VAL A 184 -15.57 6.81 -10.07
N ILE A 185 -14.88 6.82 -8.93
CA ILE A 185 -15.47 7.22 -7.64
C ILE A 185 -14.95 8.54 -7.10
N LEU A 186 -13.78 8.98 -7.54
CA LEU A 186 -13.19 10.27 -7.17
C LEU A 186 -12.48 10.80 -8.40
N SER A 187 -12.53 12.11 -8.60
CA SER A 187 -11.89 12.73 -9.74
C SER A 187 -11.36 14.11 -9.33
N ASP A 188 -10.15 14.37 -9.76
CA ASP A 188 -9.49 15.66 -9.46
C ASP A 188 -8.38 15.84 -10.48
N THR A 189 -7.47 16.76 -10.27
CA THR A 189 -6.34 16.92 -11.12
C THR A 189 -5.47 15.62 -11.05
N GLN A 190 -4.68 15.42 -12.09
CA GLN A 190 -3.70 14.34 -12.13
C GLN A 190 -2.88 14.28 -10.87
N ALA A 191 -2.35 15.44 -10.45
CA ALA A 191 -1.49 15.49 -9.30
C ALA A 191 -2.19 15.10 -8.03
N LYS A 192 -3.47 15.42 -7.89
CA LYS A 192 -4.19 15.24 -6.64
C LYS A 192 -4.62 13.83 -6.35
N LEU A 193 -4.83 13.01 -7.39
CA LEU A 193 -5.26 11.62 -7.21
C LEU A 193 -4.42 10.77 -8.16
N PHE A 194 -3.21 10.45 -7.73
CA PHE A 194 -2.17 10.00 -8.68
C PHE A 194 -1.91 8.48 -8.59
N GLU A 195 -1.49 8.01 -7.39
CA GLU A 195 -0.96 6.68 -7.25
C GLU A 195 -1.37 6.07 -5.92
N ALA A 196 -1.12 4.76 -5.78
CA ALA A 196 -0.90 4.13 -4.43
C ALA A 196 -2.12 4.20 -3.54
N VAL A 197 -3.33 3.98 -4.10
CA VAL A 197 -4.54 3.98 -3.30
C VAL A 197 -4.51 2.84 -2.31
N GLN A 198 -5.00 3.10 -1.08
CA GLN A 198 -5.18 2.07 -0.11
C GLN A 198 -6.49 2.35 0.62
N VAL A 199 -7.16 1.28 1.06
CA VAL A 199 -8.42 1.36 1.77
C VAL A 199 -8.38 0.41 2.96
N TYR A 200 -8.97 0.84 4.06
CA TYR A 200 -8.90 0.11 5.34
C TYR A 200 -10.23 0.20 6.07
N THR A 201 -10.50 -0.85 6.87
CA THR A 201 -11.57 -0.83 7.87
C THR A 201 -10.98 -0.26 9.15
N VAL A 202 -11.63 0.77 9.70
CA VAL A 202 -11.05 1.43 10.90
C VAL A 202 -11.66 0.78 12.16
N ALA A 203 -10.89 -0.02 12.85
CA ALA A 203 -11.41 -0.81 13.98
C ALA A 203 -12.02 0.13 15.05
N GLY A 204 -13.19 -0.21 15.50
CA GLY A 204 -13.86 0.49 16.57
C GLY A 204 -14.47 1.82 16.20
N GLN A 205 -14.32 2.27 14.95
CA GLN A 205 -14.78 3.55 14.51
C GLN A 205 -15.91 3.50 13.48
N ASN A 206 -16.35 2.29 13.12
CA ASN A 206 -17.51 2.09 12.28
C ASN A 206 -17.40 2.88 10.97
N GLN A 207 -16.23 2.88 10.34
CA GLN A 207 -15.98 3.65 9.13
C GLN A 207 -14.86 2.98 8.35
N TYR A 208 -14.68 3.50 7.12
CA TYR A 208 -13.58 3.14 6.24
C TYR A 208 -12.71 4.38 5.95
N LEU A 209 -11.42 4.11 5.78
CA LEU A 209 -10.40 5.09 5.49
C LEU A 209 -9.75 4.78 4.17
N MET A 210 -9.61 5.77 3.28
CA MET A 210 -8.87 5.67 2.02
C MET A 210 -7.75 6.65 2.06
N ILE A 211 -6.57 6.27 1.59
CA ILE A 211 -5.47 7.17 1.33
C ILE A 211 -5.10 7.06 -0.14
N VAL A 212 -4.67 8.20 -0.73
CA VAL A 212 -4.25 8.24 -2.12
C VAL A 212 -3.01 9.13 -2.17
N GLU A 213 -2.01 8.71 -2.92
CA GLU A 213 -0.80 9.49 -3.11
C GLU A 213 -1.00 10.57 -4.19
N ALA A 214 -0.53 11.76 -3.89
CA ALA A 214 -0.55 12.93 -4.69
C ALA A 214 0.86 13.46 -4.89
N GLN A 215 1.06 14.17 -6.01
N GLN A 215 1.01 14.17 -6.01
CA GLN A 215 2.32 14.90 -6.25
CA GLN A 215 2.20 14.95 -6.27
C GLN A 215 2.16 16.35 -5.73
C GLN A 215 2.06 16.36 -5.67
N GLY A 216 2.90 16.71 -4.72
CA GLY A 216 2.90 18.05 -4.19
C GLY A 216 4.06 18.88 -4.70
N THR A 217 4.02 20.17 -4.36
CA THR A 217 5.11 21.01 -4.77
CA THR A 217 5.08 21.09 -4.66
C THR A 217 6.40 20.67 -3.98
N ASN A 218 6.28 20.13 -2.78
CA ASN A 218 7.43 19.79 -1.96
C ASN A 218 7.77 18.33 -1.97
N GLY A 219 6.93 17.48 -2.54
CA GLY A 219 7.14 16.04 -2.52
C GLY A 219 5.83 15.30 -2.73
N ARG A 220 5.96 13.97 -2.83
CA ARG A 220 4.80 13.11 -2.76
C ARG A 220 4.17 13.15 -1.37
N TYR A 221 2.84 13.07 -1.29
CA TYR A 221 2.16 13.08 0.00
C TYR A 221 0.88 12.28 -0.16
N PHE A 222 0.31 11.91 0.99
CA PHE A 222 -0.96 11.19 1.02
C PHE A 222 -2.10 12.13 1.43
N ARG A 223 -3.23 11.91 0.78
CA ARG A 223 -4.49 12.52 1.04
C ARG A 223 -5.46 11.49 1.56
N SER A 224 -6.26 11.78 2.58
CA SER A 224 -7.20 10.83 3.12
C SER A 224 -8.62 11.25 2.84
N PHE A 225 -9.47 10.20 2.83
CA PHE A 225 -10.93 10.27 2.64
C PHE A 225 -11.56 9.23 3.58
N THR A 226 -12.82 9.45 3.94
CA THR A 226 -13.54 8.42 4.69
C THR A 226 -14.88 8.15 4.02
N ALA A 227 -15.44 7.01 4.36
CA ALA A 227 -16.73 6.57 3.84
C ALA A 227 -17.40 5.71 4.92
N ASN A 228 -18.76 5.64 4.78
CA ASN A 228 -19.57 4.79 5.66
C ASN A 228 -19.68 3.35 5.18
N SER A 229 -19.24 3.06 3.99
CA SER A 229 -19.38 1.76 3.38
CA SER A 229 -19.45 1.78 3.32
C SER A 229 -18.49 1.75 2.14
N LEU A 230 -18.05 0.56 1.76
CA LEU A 230 -17.12 0.43 0.66
C LEU A 230 -17.69 0.78 -0.71
N ASP A 231 -19.04 0.68 -0.81
CA ASP A 231 -19.79 1.10 -1.99
C ASP A 231 -20.36 2.49 -1.86
N GLY A 232 -19.96 3.22 -0.85
CA GLY A 232 -20.44 4.57 -0.55
C GLY A 232 -19.59 5.64 -1.15
N GLU A 233 -19.99 6.86 -0.80
N GLU A 233 -20.00 6.87 -0.82
CA GLU A 233 -19.33 8.07 -1.22
CA GLU A 233 -19.31 8.07 -1.30
C GLU A 233 -18.12 8.36 -0.32
C GLU A 233 -18.14 8.38 -0.33
N TRP A 234 -17.02 8.76 -0.91
CA TRP A 234 -15.79 9.12 -0.20
C TRP A 234 -15.70 10.59 -0.09
N LYS A 235 -15.52 11.12 1.13
CA LYS A 235 -15.37 12.56 1.30
CA LYS A 235 -15.45 12.53 1.48
C LYS A 235 -14.03 12.84 1.90
N VAL A 236 -13.42 13.88 1.47
CA VAL A 236 -12.10 14.22 1.88
C VAL A 236 -12.03 14.48 3.39
N GLN A 237 -10.91 14.01 3.95
CA GLN A 237 -10.57 14.22 5.35
C GLN A 237 -9.39 15.16 5.43
N ALA A 238 -8.20 14.73 5.08
CA ALA A 238 -7.00 15.57 5.09
C ALA A 238 -6.48 15.55 3.68
N GLY A 239 -6.74 16.63 2.91
CA GLY A 239 -6.48 16.62 1.47
C GLY A 239 -5.51 17.64 0.98
N SER A 240 -5.08 18.62 1.78
CA SER A 240 -4.16 19.62 1.29
CA SER A 240 -4.15 19.62 1.26
CA SER A 240 -4.16 19.67 1.36
C SER A 240 -2.72 19.22 1.60
N GLU A 241 -1.79 19.66 0.75
CA GLU A 241 -0.38 19.40 0.99
C GLU A 241 0.07 19.98 2.33
N SER A 242 -0.46 21.14 2.72
CA SER A 242 -0.06 21.78 3.98
C SER A 242 -0.64 21.10 5.19
N ALA A 243 -1.68 20.35 5.05
CA ALA A 243 -2.33 19.61 6.19
C ALA A 243 -2.81 18.25 5.62
N PRO A 244 -1.84 17.38 5.29
CA PRO A 244 -2.14 16.15 4.57
C PRO A 244 -2.45 15.04 5.55
N PHE A 245 -2.80 13.87 5.01
CA PHE A 245 -2.75 12.67 5.84
C PHE A 245 -1.33 12.43 6.33
N ALA A 246 -0.39 12.42 5.38
CA ALA A 246 1.03 12.23 5.71
C ALA A 246 1.85 12.85 4.58
N GLY A 247 2.82 13.67 4.91
CA GLY A 247 3.66 14.33 3.91
C GLY A 247 4.76 15.07 4.62
N LYS A 248 5.59 15.80 3.85
CA LYS A 248 6.65 16.60 4.45
C LYS A 248 6.10 17.52 5.56
N ALA A 249 4.91 18.06 5.41
CA ALA A 249 4.37 19.00 6.39
C ALA A 249 4.23 18.45 7.75
N ASN A 250 4.05 17.12 7.89
CA ASN A 250 3.68 16.55 9.18
C ASN A 250 4.30 15.17 9.52
N SER A 251 5.28 14.75 8.73
CA SER A 251 5.82 13.38 8.90
C SER A 251 6.82 13.22 10.04
N GLY A 252 7.51 14.31 10.33
CA GLY A 252 8.63 14.25 11.23
C GLY A 252 9.84 13.58 10.61
N ALA A 253 9.84 13.33 9.31
CA ALA A 253 10.96 12.67 8.68
C ALA A 253 11.96 13.69 8.16
N SER A 254 13.14 13.65 8.65
CA SER A 254 14.15 14.66 8.26
C SER A 254 14.86 14.25 7.01
N TRP A 255 14.82 12.99 6.65
CA TRP A 255 15.66 12.45 5.59
C TRP A 255 15.03 12.46 4.22
N THR A 256 13.70 12.58 4.16
CA THR A 256 12.93 12.46 2.94
C THR A 256 11.88 13.57 2.93
N ASN A 257 11.67 14.18 1.76
N ASN A 257 11.63 14.07 1.72
CA ASN A 257 10.48 14.97 1.50
CA ASN A 257 10.55 14.98 1.46
C ASN A 257 9.29 14.09 1.13
C ASN A 257 9.35 14.32 0.82
N ASP A 258 9.49 13.16 0.22
CA ASP A 258 8.44 12.26 -0.17
C ASP A 258 7.94 11.41 0.98
N VAL A 259 6.61 11.25 1.05
CA VAL A 259 5.94 10.19 1.83
C VAL A 259 5.07 9.51 0.75
N SER A 260 5.47 8.26 0.37
CA SER A 260 4.98 7.66 -0.87
C SER A 260 4.65 6.17 -0.64
N HIS A 261 4.10 5.56 -1.69
CA HIS A 261 3.44 4.26 -1.76
C HIS A 261 3.91 3.27 -0.64
N GLY A 262 2.93 2.92 0.19
CA GLY A 262 3.12 1.85 1.17
C GLY A 262 1.81 1.34 1.67
N ASP A 263 1.77 1.10 2.99
CA ASP A 263 0.62 0.43 3.63
C ASP A 263 0.57 0.88 5.05
N LEU A 264 -0.62 1.29 5.54
CA LEU A 264 -0.81 1.39 6.98
C LEU A 264 -0.58 -0.01 7.60
N ILE A 265 -0.18 -0.02 8.86
CA ILE A 265 0.01 -1.26 9.60
C ILE A 265 -1.33 -1.81 10.00
N ARG A 266 -1.65 -2.99 9.48
CA ARG A 266 -2.91 -3.68 9.69
C ARG A 266 -2.83 -4.55 10.94
N SER A 267 -3.95 -4.56 11.69
CA SER A 267 -4.03 -5.27 12.99
C SER A 267 -4.29 -6.73 12.84
N ASN A 268 -4.68 -7.10 11.67
N ASN A 268 -4.86 -7.19 11.75
CA ASN A 268 -5.38 -8.40 11.34
CA ASN A 268 -4.80 -8.62 11.50
C ASN A 268 -4.93 -8.65 9.83
C ASN A 268 -4.79 -8.72 9.95
N PRO A 269 -4.42 -9.84 9.44
CA PRO A 269 -4.03 -10.01 8.04
C PRO A 269 -5.19 -10.21 7.09
N ASP A 270 -6.44 -10.20 7.53
CA ASP A 270 -7.54 -10.66 6.71
C ASP A 270 -8.00 -9.62 5.65
N GLN A 271 -9.01 -10.01 4.89
CA GLN A 271 -9.45 -9.27 3.74
C GLN A 271 -10.14 -7.97 4.08
N THR A 272 -10.44 -7.70 5.34
CA THR A 272 -11.05 -6.43 5.73
C THR A 272 -10.04 -5.31 5.83
N MET A 273 -8.74 -5.60 5.73
CA MET A 273 -7.72 -4.54 5.77
C MET A 273 -7.93 -3.67 7.01
N THR A 274 -8.09 -4.29 8.17
CA THR A 274 -8.37 -3.57 9.39
C THR A 274 -7.09 -2.93 9.95
N ILE A 275 -7.25 -1.66 10.40
CA ILE A 275 -6.27 -0.96 11.17
C ILE A 275 -6.79 -0.60 12.50
N ASP A 276 -5.90 -0.57 13.50
CA ASP A 276 -6.24 -0.11 14.86
C ASP A 276 -5.84 1.34 14.97
N PRO A 277 -6.79 2.27 14.99
CA PRO A 277 -6.43 3.69 15.05
C PRO A 277 -5.72 4.08 16.34
N CYS A 278 -5.83 3.27 17.37
CA CYS A 278 -5.04 3.49 18.61
C CYS A 278 -3.56 3.20 18.40
N ARG A 279 -3.22 2.57 17.31
N ARG A 279 -3.22 2.59 17.30
CA ARG A 279 -1.86 2.17 17.01
CA ARG A 279 -1.86 2.17 17.00
C ARG A 279 -1.53 2.61 15.56
C ARG A 279 -1.52 2.60 15.56
N LEU A 280 -1.96 3.80 15.15
CA LEU A 280 -1.86 4.15 13.73
C LEU A 280 -0.39 4.37 13.31
N GLN A 281 0.01 3.60 12.28
CA GLN A 281 1.37 3.65 11.72
C GLN A 281 1.27 3.44 10.24
N LEU A 282 2.21 4.05 9.52
CA LEU A 282 2.32 3.96 8.06
C LEU A 282 3.71 3.47 7.66
N LEU A 283 3.78 2.34 6.98
CA LEU A 283 4.99 1.84 6.32
C LEU A 283 4.99 2.49 4.94
N TYR A 284 5.93 3.40 4.68
CA TYR A 284 5.94 4.21 3.47
C TYR A 284 7.28 4.05 2.78
N GLN A 285 7.35 4.56 1.54
CA GLN A 285 8.62 4.71 0.86
C GLN A 285 9.02 6.16 0.84
N GLY A 286 10.30 6.40 1.19
CA GLY A 286 10.89 7.74 1.13
C GLY A 286 12.21 7.69 0.39
N ARG A 287 12.79 8.84 0.10
CA ARG A 287 14.07 8.86 -0.60
C ARG A 287 14.83 10.06 -0.12
N ASP A 288 16.18 9.93 -0.14
CA ASP A 288 17.06 11.01 0.32
C ASP A 288 16.77 12.36 -0.33
N LYS A 289 16.41 13.34 0.42
CA LYS A 289 16.04 14.66 -0.15
C LYS A 289 17.22 15.46 -0.57
N ASN A 290 18.44 15.05 -0.18
CA ASN A 290 19.68 15.82 -0.49
C ASN A 290 20.39 15.32 -1.68
N LYS A 291 19.90 14.36 -2.41
CA LYS A 291 20.40 13.98 -3.72
C LYS A 291 19.29 14.05 -4.74
N VAL A 292 19.52 14.47 -5.96
CA VAL A 292 18.56 14.43 -7.05
C VAL A 292 18.69 13.10 -7.76
N PRO A 293 17.59 12.27 -7.91
CA PRO A 293 17.77 10.97 -8.62
C PRO A 293 18.08 11.16 -10.06
N SER A 294 18.89 10.21 -10.58
CA SER A 294 19.27 10.10 -12.00
C SER A 294 18.06 10.11 -12.95
N SER A 295 16.98 9.52 -12.56
CA SER A 295 15.69 9.24 -13.22
C SER A 295 14.66 8.75 -12.14
N TYR A 296 13.36 8.81 -12.41
CA TYR A 296 12.39 8.30 -11.42
C TYR A 296 12.58 6.84 -11.16
N ASP A 297 12.79 6.05 -12.19
CA ASP A 297 12.89 4.61 -11.99
C ASP A 297 14.17 4.24 -11.23
N LEU A 298 15.19 5.10 -11.23
CA LEU A 298 16.39 4.89 -10.43
C LEU A 298 16.36 5.61 -9.09
N ALA A 299 15.19 6.14 -8.70
CA ALA A 299 15.10 6.84 -7.42
C ALA A 299 15.41 5.90 -6.28
N PRO A 300 16.17 6.32 -5.28
CA PRO A 300 16.61 5.43 -4.21
C PRO A 300 15.57 5.34 -3.04
N TYR A 301 14.40 4.82 -3.40
CA TYR A 301 13.37 4.64 -2.38
C TYR A 301 13.78 3.57 -1.36
N ARG A 302 13.34 3.81 -0.13
CA ARG A 302 13.66 3.00 1.03
C ARG A 302 12.41 2.98 1.91
N PRO A 303 12.20 1.89 2.67
CA PRO A 303 11.09 1.89 3.65
C PRO A 303 11.38 2.82 4.82
N GLY A 304 10.29 3.40 5.32
CA GLY A 304 10.26 4.15 6.56
C GLY A 304 8.97 3.85 7.32
N LEU A 305 8.92 4.17 8.59
CA LEU A 305 7.69 3.97 9.37
C LEU A 305 7.33 5.26 10.07
N LEU A 306 6.10 5.74 9.84
CA LEU A 306 5.50 6.82 10.62
C LEU A 306 4.68 6.24 11.76
N THR A 307 4.74 6.85 12.92
CA THR A 307 3.88 6.53 14.03
C THR A 307 3.12 7.80 14.45
N LEU A 308 1.81 7.73 14.59
CA LEU A 308 1.05 8.94 14.92
C LEU A 308 1.55 9.47 16.26
N TYR A 309 1.65 10.83 16.33
CA TYR A 309 2.07 11.51 17.52
C TYR A 309 0.96 11.43 18.58
N GLY A 310 1.32 11.32 19.85
CA GLY A 310 0.41 11.56 20.91
C GLY A 310 -0.52 10.41 21.24
N LEU A 311 -0.26 9.20 20.74
CA LEU A 311 -1.08 8.04 21.00
C LEU A 311 -0.98 7.69 22.46
N GLY A 312 -2.07 7.29 23.04
CA GLY A 312 -2.05 6.72 24.38
C GLY A 312 -1.08 5.56 24.55
N LEU A 313 -0.99 4.77 23.48
CA LEU A 313 -0.14 3.55 23.45
C LEU A 313 1.25 3.83 22.91
N GLU A 314 1.64 5.08 22.79
CA GLU A 314 2.86 5.49 22.14
C GLU A 314 4.08 4.69 22.59
N GLN A 315 4.30 4.71 23.89
CA GLN A 315 5.48 4.06 24.45
C GLN A 315 5.53 2.55 24.20
N LYS A 316 4.39 1.92 24.42
CA LYS A 316 4.28 0.49 24.19
C LYS A 316 4.43 0.16 22.74
N LEU A 317 3.90 1.02 21.90
CA LEU A 317 3.97 0.81 20.48
C LEU A 317 5.40 1.01 19.95
N ILE A 318 6.04 2.12 20.33
CA ILE A 318 7.37 2.56 19.77
C ILE A 318 8.42 1.56 20.25
N SER A 319 8.25 1.06 21.47
CA SER A 319 9.25 0.13 21.99
C SER A 319 8.89 -1.32 21.59
N GLU A 320 7.72 -1.51 20.92
CA GLU A 320 7.28 -2.83 20.38
C GLU A 320 6.94 -3.88 21.41
CA CA B . -0.35 -0.81 -2.83
C1 GOL C . 7.17 9.71 -12.12
O1 GOL C . 7.97 11.00 -12.20
C2 GOL C . 5.76 9.86 -12.49
O2 GOL C . 5.65 10.40 -13.85
C3 GOL C . 5.10 8.50 -12.35
O3 GOL C . 5.11 8.07 -10.86
C1 GOL D . 5.88 0.66 -12.04
C1 GOL D . 5.43 1.57 -9.41
C1 GOL D . 5.50 1.50 -9.43
O1 GOL D . 5.84 1.47 -13.24
O1 GOL D . 6.53 1.56 -8.45
O1 GOL D . 6.49 1.41 -8.37
C2 GOL D . 6.14 1.50 -10.84
C2 GOL D . 4.32 2.47 -9.02
C2 GOL D . 4.32 2.43 -9.21
O2 GOL D . 5.10 2.44 -10.66
O2 GOL D . 4.81 3.53 -8.66
O2 GOL D . 4.79 3.48 -8.64
C3 GOL D . 6.30 0.67 -9.55
C3 GOL D . 3.26 2.90 -10.00
C3 GOL D . 3.37 2.53 -10.38
O3 GOL D . 6.61 1.54 -8.44
O3 GOL D . 2.66 4.06 -9.27
O3 GOL D . 2.52 1.35 -10.54
C1 GOL E . -10.96 14.60 -4.71
O1 GOL E . -9.64 14.98 -4.61
C2 GOL E . -12.08 15.41 -4.14
O2 GOL E . -13.42 14.95 -4.43
C3 GOL E . -12.02 15.59 -2.65
O3 GOL E . -10.73 16.08 -2.46
C1 GOL F . -15.49 10.80 8.75
C1 GOL F . -15.66 10.65 10.89
O1 GOL F . -16.20 11.80 8.18
O1 GOL F . -16.17 11.36 11.83
C2 GOL F . -14.79 11.35 9.92
C2 GOL F . -14.64 11.16 9.98
O2 GOL F . -14.22 12.69 9.73
O2 GOL F . -13.38 10.40 10.38
C3 GOL F . -15.79 11.18 11.15
C3 GOL F . -15.17 10.77 8.68
O3 GOL F . -16.12 12.33 11.94
O3 GOL F . -15.76 11.96 8.42
C TRS G . 8.29 12.96 -9.06
C1 TRS G . 9.56 12.29 -9.57
C2 TRS G . 8.00 12.77 -7.59
C3 TRS G . 7.21 12.28 -9.93
N TRS G . 8.35 14.41 -9.51
O1 TRS G . 10.54 12.12 -8.59
O2 TRS G . 7.01 13.75 -7.17
O3 TRS G . 5.89 12.91 -9.81
OH2 1PE H . 16.35 2.49 -14.54
C12 1PE H . 15.22 1.83 -15.10
C22 1PE H . 14.39 2.33 -16.21
OH3 1PE H . 14.19 1.01 -16.74
C13 1PE H . 14.71 -0.52 -18.65
C23 1PE H . 14.07 0.81 -18.17
OH4 1PE H . 15.11 -0.32 -19.95
#